data_5MCQ
#
_entry.id   5MCQ
#
_cell.length_a   101.930
_cell.length_b   101.930
_cell.length_c   116.350
_cell.angle_alpha   90.00
_cell.angle_beta   90.00
_cell.angle_gamma   120.00
#
_symmetry.space_group_name_H-M   'P 32 2 1'
#
loop_
_entity.id
_entity.type
_entity.pdbx_description
1 polymer 'Beta-secretase 1'
2 polymer 'BACE-1 ACTIVE AND EXOSITE BINDING INHIBITOR'
3 non-polymer 1,2-ETHANEDIOL
4 water water
#
loop_
_entity_poly.entity_id
_entity_poly.type
_entity_poly.pdbx_seq_one_letter_code
_entity_poly.pdbx_strand_id
1 'polypeptide(L)'
;ETDEEPEEPGRRGSFVEMVDNLRGKSGQGYYVEMTVGSPPQTLNILVDTGSSNFAVGAAPHPFLHRYYQRQLSSTYRDLR
KGVYVPYTQGKWEGELGTDLVSIPHGPNVTVRANIAAITESDKFFINGSNWEGILGLAYAEIARPDDSLEPFFDSLVKQT
HVPNLFSLQLCGAGFPLNQSEVLASVGGSMIIGGIDHSLYTGSLWYTPIRREWYYEVIIVRVEINGQDLKMDCKEYNYDK
SIVDSGTTNLRLPKKVFEAAVKSIKAASSTEKFPDGFWLGEQLVCWQAGTTPWNIFPVISLYLMGEVTNQSFRITILPQQ
YLRPVEDVATSQDDCYKFAISQSSTGTVMGAVIMEGFYVVFDRARKRIGFAVSACHVHDEFRTAAVEGPFVTLDMEDCGY
NIPQTDEST
;
A
2 'polypeptide(L)' GGGYPYFIP(DLY)G(DLY)GEVN(STA)VAE(DPR)(NH2) D
#
loop_
_chem_comp.id
_chem_comp.type
_chem_comp.name
_chem_comp.formula
EDO non-polymer 1,2-ETHANEDIOL 'C2 H6 O2'
NH2 non-polymer 'AMINO GROUP' 'H2 N'
STA peptide-like STATINE 'C8 H17 N O3'
#
# COMPACT_ATOMS: atom_id res chain seq x y z
N ARG A 11 -2.21 26.73 13.79
CA ARG A 11 -2.83 26.00 12.64
C ARG A 11 -4.08 25.19 13.07
N ARG A 12 -4.99 24.91 12.16
CA ARG A 12 -6.30 24.35 12.55
C ARG A 12 -6.43 22.79 12.42
N GLY A 13 -5.44 22.12 11.79
CA GLY A 13 -5.55 20.69 11.38
C GLY A 13 -6.71 20.42 10.39
N SER A 14 -6.95 21.34 9.44
CA SER A 14 -8.05 21.19 8.44
C SER A 14 -7.56 20.17 7.37
N PHE A 15 -8.49 19.60 6.58
CA PHE A 15 -8.05 18.67 5.54
C PHE A 15 -7.12 19.28 4.52
N VAL A 16 -7.29 20.56 4.21
CA VAL A 16 -6.44 21.14 3.16
C VAL A 16 -4.97 21.10 3.57
N GLU A 17 -4.70 21.19 4.87
CA GLU A 17 -3.30 21.10 5.39
C GLU A 17 -2.70 19.74 5.26
N MET A 18 -3.52 18.71 5.06
CA MET A 18 -3.06 17.34 5.03
C MET A 18 -2.85 16.88 3.63
N VAL A 19 -3.48 17.56 2.67
CA VAL A 19 -3.32 17.19 1.28
C VAL A 19 -1.80 17.20 0.98
N ASP A 20 -1.34 16.15 0.30
CA ASP A 20 0.06 16.13 -0.07
C ASP A 20 1.05 15.90 1.05
N ASN A 21 0.59 15.33 2.17
CA ASN A 21 1.51 15.15 3.26
C ASN A 21 2.32 13.83 3.14
N LEU A 22 2.21 13.08 2.05
CA LEU A 22 3.05 11.89 1.86
C LEU A 22 4.10 12.08 0.79
N ARG A 23 5.25 11.44 0.98
CA ARG A 23 6.27 11.33 -0.03
C ARG A 23 6.74 9.87 -0.05
N GLY A 24 7.49 9.54 -1.08
CA GLY A 24 8.06 8.20 -1.18
C GLY A 24 9.00 8.12 -2.36
N LYS A 25 9.74 7.01 -2.43
CA LYS A 25 10.38 6.55 -3.67
C LYS A 25 9.68 5.32 -4.10
N SER A 26 9.57 5.20 -5.41
CA SER A 26 8.84 4.08 -6.00
C SER A 26 9.39 2.74 -5.46
N GLY A 27 8.50 1.90 -4.96
CA GLY A 27 8.85 0.55 -4.48
C GLY A 27 9.33 0.58 -3.04
N GLN A 28 9.30 1.74 -2.39
CA GLN A 28 9.89 1.85 -1.07
C GLN A 28 8.86 2.39 -0.08
N GLY A 29 7.57 2.35 -0.45
CA GLY A 29 6.52 2.79 0.50
C GLY A 29 6.34 4.32 0.46
N TYR A 30 5.35 4.79 1.22
CA TYR A 30 5.00 6.18 1.34
C TYR A 30 5.09 6.51 2.79
N TYR A 31 5.61 7.70 3.09
CA TYR A 31 5.81 8.13 4.49
C TYR A 31 5.26 9.49 4.75
N VAL A 32 5.00 9.72 6.02
CA VAL A 32 4.46 10.98 6.51
C VAL A 32 5.41 11.47 7.55
N GLU A 33 5.51 12.78 7.64
CA GLU A 33 6.34 13.33 8.73
C GLU A 33 5.68 13.27 10.09
N MET A 34 6.43 12.85 11.11
CA MET A 34 5.88 12.83 12.47
C MET A 34 6.92 13.42 13.41
N THR A 35 6.48 13.81 14.59
CA THR A 35 7.41 14.19 15.60
C THR A 35 7.12 13.34 16.84
N VAL A 36 8.19 12.91 17.47
CA VAL A 36 8.11 12.10 18.69
C VAL A 36 8.88 12.75 19.85
N GLY A 37 8.32 12.75 21.06
CA GLY A 37 9.12 13.13 22.24
C GLY A 37 9.09 14.62 22.55
N SER A 38 9.74 15.03 23.65
CA SER A 38 9.74 16.43 24.11
C SER A 38 11.17 16.77 24.50
N PRO A 39 11.85 17.72 23.84
CA PRO A 39 11.38 18.42 22.62
C PRO A 39 11.18 17.48 21.38
N PRO A 40 10.34 17.91 20.38
CA PRO A 40 9.93 17.00 19.28
C PRO A 40 11.10 16.60 18.45
N GLN A 41 11.20 15.33 18.13
CA GLN A 41 12.22 14.86 17.19
C GLN A 41 11.46 14.44 15.92
N THR A 42 11.87 14.97 14.79
CA THR A 42 11.18 14.79 13.52
C THR A 42 11.70 13.50 12.89
N LEU A 43 10.76 12.64 12.45
CA LEU A 43 11.14 11.46 11.73
C LEU A 43 10.13 11.25 10.60
N ASN A 44 10.60 10.65 9.51
CA ASN A 44 9.68 10.23 8.46
C ASN A 44 9.25 8.77 8.71
N ILE A 45 7.94 8.51 8.59
CA ILE A 45 7.33 7.28 9.04
C ILE A 45 6.49 6.66 7.91
N LEU A 46 6.91 5.46 7.48
CA LEU A 46 6.15 4.72 6.51
C LEU A 46 4.71 4.43 6.96
N VAL A 47 3.76 4.70 6.08
CA VAL A 47 2.32 4.53 6.40
C VAL A 47 1.88 3.12 5.99
N ASP A 48 1.54 2.27 6.98
CA ASP A 48 1.33 0.85 6.67
C ASP A 48 -0.05 0.35 7.14
N THR A 49 -1.00 0.18 6.19
CA THR A 49 -2.30 -0.30 6.62
C THR A 49 -2.24 -1.83 6.76
N GLY A 50 -1.04 -2.42 6.54
CA GLY A 50 -0.92 -3.91 6.70
C GLY A 50 -0.30 -4.34 8.03
N SER A 51 -0.17 -3.45 9.02
CA SER A 51 0.38 -3.87 10.32
C SER A 51 -0.14 -2.93 11.34
N SER A 52 0.17 -3.17 12.64
CA SER A 52 -0.44 -2.40 13.71
C SER A 52 0.50 -1.90 14.78
N ASN A 53 1.79 -1.97 14.55
CA ASN A 53 2.75 -1.39 15.48
C ASN A 53 3.31 -0.06 14.94
N PHE A 54 3.49 0.91 15.84
CA PHE A 54 4.21 2.14 15.55
C PHE A 54 5.61 1.88 16.07
N ALA A 55 6.58 1.98 15.17
CA ALA A 55 7.96 1.68 15.56
C ALA A 55 8.93 2.62 14.85
N VAL A 56 10.03 2.98 15.52
CA VAL A 56 11.00 3.88 14.90
C VAL A 56 12.42 3.38 15.18
N GLY A 57 13.28 3.51 14.17
CA GLY A 57 14.72 3.34 14.33
C GLY A 57 15.15 4.06 15.60
N ALA A 58 15.87 3.38 16.49
CA ALA A 58 16.26 4.00 17.72
C ALA A 58 17.72 3.75 18.07
N ALA A 59 18.51 3.34 17.08
CA ALA A 59 19.92 3.05 17.28
C ALA A 59 20.51 3.21 15.89
N PRO A 60 21.85 3.43 15.79
CA PRO A 60 22.42 3.64 14.45
C PRO A 60 22.21 2.45 13.54
N HIS A 61 22.09 2.75 12.27
CA HIS A 61 21.97 1.70 11.26
C HIS A 61 22.53 2.33 10.03
N PRO A 62 23.23 1.55 9.16
CA PRO A 62 23.81 2.15 7.96
C PRO A 62 22.80 2.86 7.06
N PHE A 63 21.53 2.47 7.12
CA PHE A 63 20.59 3.06 6.19
C PHE A 63 19.75 4.13 6.86
N LEU A 64 19.98 4.43 8.14
CA LEU A 64 19.21 5.47 8.82
C LEU A 64 19.93 6.83 8.83
N HIS A 65 19.32 7.85 8.24
CA HIS A 65 19.80 9.22 8.32
C HIS A 65 19.69 9.76 9.72
N ARG A 66 18.69 9.32 10.46
CA ARG A 66 18.47 9.81 11.82
C ARG A 66 17.68 8.74 12.58
N TYR A 67 17.60 8.83 13.89
CA TYR A 67 16.84 7.86 14.64
C TYR A 67 16.41 8.48 15.90
N TYR A 68 15.45 7.84 16.56
CA TYR A 68 14.86 8.33 17.78
C TYR A 68 15.80 8.14 18.99
N GLN A 69 16.00 9.21 19.79
CA GLN A 69 16.89 9.19 20.97
C GLN A 69 16.04 9.38 22.22
N ARG A 70 15.72 8.26 22.86
CA ARG A 70 14.84 8.27 23.99
C ARG A 70 15.40 9.11 25.10
N GLN A 71 16.73 9.15 25.22
CA GLN A 71 17.31 9.87 26.36
C GLN A 71 17.10 11.39 26.24
N LEU A 72 16.79 11.85 25.02
CA LEU A 72 16.63 13.31 24.77
C LEU A 72 15.22 13.76 25.04
N SER A 73 14.34 12.82 25.36
CA SER A 73 12.92 13.12 25.52
C SER A 73 12.50 13.02 26.98
N SER A 74 12.04 14.14 27.53
CA SER A 74 11.61 14.12 28.92
C SER A 74 10.25 13.45 29.08
N THR A 75 9.54 13.16 27.99
CA THR A 75 8.22 12.54 28.11
C THR A 75 8.22 11.02 27.82
N TYR A 76 9.38 10.48 27.45
CA TYR A 76 9.54 9.05 27.22
C TYR A 76 9.26 8.24 28.49
N ARG A 77 8.48 7.17 28.39
CA ARG A 77 8.29 6.23 29.52
C ARG A 77 8.60 4.86 29.00
N ASP A 78 9.50 4.18 29.68
CA ASP A 78 9.92 2.82 29.32
C ASP A 78 8.84 1.82 29.79
N LEU A 79 8.38 0.93 28.90
CA LEU A 79 7.44 -0.11 29.29
C LEU A 79 8.15 -1.37 29.80
N ARG A 80 9.45 -1.44 29.67
CA ARG A 80 10.23 -2.61 30.14
C ARG A 80 9.75 -3.94 29.57
N LYS A 81 9.53 -3.96 28.28
CA LYS A 81 9.10 -5.15 27.52
C LYS A 81 9.76 -5.01 26.16
N GLY A 82 10.21 -6.13 25.61
CA GLY A 82 10.74 -6.20 24.24
C GLY A 82 9.61 -6.50 23.27
N VAL A 83 9.91 -6.42 21.98
CA VAL A 83 8.93 -6.81 20.96
C VAL A 83 9.75 -7.19 19.74
N TYR A 84 9.26 -8.17 19.02
CA TYR A 84 9.76 -8.58 17.76
C TYR A 84 8.61 -8.53 16.74
N VAL A 85 8.89 -7.99 15.57
CA VAL A 85 7.83 -7.94 14.57
C VAL A 85 8.45 -8.45 13.27
N PRO A 86 7.88 -9.57 12.71
CA PRO A 86 8.22 -10.04 11.41
C PRO A 86 7.14 -9.63 10.40
N TYR A 87 7.60 -9.23 9.23
CA TYR A 87 6.73 -8.89 8.09
C TYR A 87 6.93 -9.93 6.98
N THR A 88 6.13 -9.87 5.95
CA THR A 88 6.31 -10.72 4.80
C THR A 88 7.75 -10.54 4.25
N GLN A 89 8.30 -9.31 4.35
CA GLN A 89 9.68 -9.06 4.04
C GLN A 89 10.21 -8.05 5.03
N GLY A 90 11.28 -8.44 5.72
CA GLY A 90 11.93 -7.68 6.77
C GLY A 90 11.38 -7.99 8.14
N LYS A 91 12.16 -7.62 9.18
CA LYS A 91 11.77 -7.84 10.57
C LYS A 91 12.61 -6.92 11.44
N TRP A 92 12.15 -6.67 12.65
CA TRP A 92 12.95 -5.88 13.56
C TRP A 92 12.61 -6.30 14.96
N GLU A 93 13.41 -5.85 15.93
CA GLU A 93 13.04 -6.05 17.31
C GLU A 93 13.44 -4.79 18.05
N GLY A 94 12.80 -4.58 19.18
CA GLY A 94 13.11 -3.40 19.96
C GLY A 94 12.48 -3.37 21.31
N GLU A 95 12.48 -2.18 21.89
CA GLU A 95 12.04 -1.93 23.28
C GLU A 95 10.75 -1.10 23.24
N LEU A 96 9.74 -1.57 23.95
CA LEU A 96 8.47 -0.83 24.08
C LEU A 96 8.55 0.29 25.08
N GLY A 97 7.79 1.35 24.78
CA GLY A 97 7.65 2.49 25.59
C GLY A 97 6.50 3.35 25.03
N THR A 98 6.33 4.52 25.63
CA THR A 98 5.27 5.43 25.25
C THR A 98 5.96 6.79 25.20
N ASP A 99 5.41 7.66 24.36
CA ASP A 99 5.90 9.02 24.27
C ASP A 99 4.81 9.83 23.55
N LEU A 100 4.96 11.15 23.59
CA LEU A 100 4.11 12.09 22.88
C LEU A 100 4.46 12.15 21.40
N VAL A 101 3.43 12.16 20.56
CA VAL A 101 3.63 12.00 19.15
C VAL A 101 2.69 13.03 18.49
N SER A 102 3.14 13.63 17.38
CA SER A 102 2.34 14.64 16.63
C SER A 102 2.57 14.38 15.17
N ILE A 103 1.63 14.88 14.33
CA ILE A 103 1.76 14.80 12.87
C ILE A 103 1.68 16.24 12.37
N PRO A 104 2.84 16.85 12.01
CA PRO A 104 2.85 18.27 11.64
C PRO A 104 1.92 18.61 10.47
N HIS A 105 1.67 17.69 9.54
CA HIS A 105 0.71 17.97 8.47
C HIS A 105 -0.45 17.02 8.62
N GLY A 106 -0.89 16.86 9.85
CA GLY A 106 -2.01 15.97 10.15
C GLY A 106 -2.89 16.76 11.13
N PRO A 107 -3.70 16.08 11.92
CA PRO A 107 -4.54 16.91 12.81
C PRO A 107 -3.66 17.67 13.81
N ASN A 108 -4.20 18.71 14.40
CA ASN A 108 -3.47 19.56 15.33
C ASN A 108 -3.65 19.05 16.76
N VAL A 109 -3.01 17.93 17.06
CA VAL A 109 -3.23 17.27 18.33
C VAL A 109 -1.93 16.55 18.67
N THR A 110 -1.76 16.23 19.94
CA THR A 110 -0.59 15.49 20.46
C THR A 110 -1.11 14.32 21.28
N VAL A 111 -0.63 13.10 21.01
CA VAL A 111 -1.17 11.84 21.55
CA VAL A 111 -1.17 11.95 21.72
C VAL A 111 -0.04 11.17 22.34
N ARG A 112 -0.37 10.53 23.47
CA ARG A 112 0.60 9.63 24.08
C ARG A 112 0.35 8.26 23.42
N ALA A 113 1.36 7.74 22.73
CA ALA A 113 1.19 6.47 21.99
C ALA A 113 2.25 5.48 22.41
N ASN A 114 1.95 4.20 22.21
CA ASN A 114 2.98 3.16 22.26
C ASN A 114 3.97 3.35 21.11
N ILE A 115 5.26 3.18 21.38
CA ILE A 115 6.28 3.27 20.36
C ILE A 115 7.28 2.14 20.62
N ALA A 116 7.56 1.34 19.58
CA ALA A 116 8.64 0.37 19.65
C ALA A 116 9.89 1.07 19.19
N ALA A 117 10.91 1.08 20.04
CA ALA A 117 12.18 1.66 19.69
C ALA A 117 13.03 0.57 19.11
N ILE A 118 13.26 0.64 17.78
CA ILE A 118 13.96 -0.41 17.04
C ILE A 118 15.46 -0.42 17.33
N THR A 119 15.94 -1.57 17.79
CA THR A 119 17.36 -1.69 18.18
C THR A 119 18.13 -2.63 17.26
N GLU A 120 17.42 -3.55 16.59
CA GLU A 120 18.06 -4.37 15.57
C GLU A 120 17.04 -4.63 14.51
N SER A 121 17.50 -4.85 13.29
CA SER A 121 16.56 -5.15 12.29
C SER A 121 17.29 -5.90 11.21
N ASP A 122 16.51 -6.50 10.32
CA ASP A 122 17.06 -7.23 9.18
C ASP A 122 16.17 -7.06 7.96
N LYS A 123 16.75 -6.49 6.90
CA LYS A 123 16.09 -6.31 5.62
C LYS A 123 14.76 -5.48 5.77
N PHE A 124 14.77 -4.59 6.73
CA PHE A 124 13.62 -3.73 7.00
C PHE A 124 13.88 -2.33 6.43
N PHE A 125 14.86 -1.63 6.98
CA PHE A 125 15.24 -0.30 6.43
C PHE A 125 15.84 -0.42 5.03
N ILE A 126 15.61 0.56 4.17
CA ILE A 126 16.00 0.44 2.76
C ILE A 126 17.05 1.49 2.51
N ASN A 127 18.15 1.10 1.88
CA ASN A 127 19.24 2.03 1.59
C ASN A 127 18.73 3.27 0.82
N GLY A 128 18.93 4.45 1.40
CA GLY A 128 18.52 5.70 0.75
C GLY A 128 17.08 6.13 0.85
N SER A 129 16.24 5.50 1.69
CA SER A 129 14.75 5.59 1.49
C SER A 129 13.99 6.88 1.98
N ASN A 130 14.65 7.60 2.88
N ASN A 130 14.64 7.54 2.93
CA ASN A 130 14.15 8.81 3.59
CA ASN A 130 14.15 8.73 3.65
C ASN A 130 13.13 8.55 4.73
C ASN A 130 13.11 8.54 4.73
N TRP A 131 12.84 7.28 5.07
CA TRP A 131 12.03 6.97 6.23
C TRP A 131 12.76 6.19 7.25
N GLU A 132 12.35 6.37 8.49
CA GLU A 132 13.07 5.86 9.66
C GLU A 132 12.17 5.08 10.59
N GLY A 133 10.92 4.90 10.21
CA GLY A 133 10.00 4.16 11.09
C GLY A 133 8.76 3.77 10.35
N ILE A 134 7.80 3.18 11.07
CA ILE A 134 6.60 2.60 10.44
C ILE A 134 5.41 2.91 11.35
N LEU A 135 4.31 3.28 10.73
CA LEU A 135 3.05 3.54 11.40
C LEU A 135 2.07 2.48 10.97
N GLY A 136 1.82 1.50 11.84
CA GLY A 136 0.90 0.39 11.52
C GLY A 136 -0.49 0.91 11.84
N LEU A 137 -1.34 0.97 10.81
CA LEU A 137 -2.69 1.56 10.94
C LEU A 137 -3.79 0.55 11.10
N ALA A 138 -3.47 -0.75 11.10
CA ALA A 138 -4.52 -1.78 11.21
C ALA A 138 -4.83 -2.00 12.72
N TYR A 139 -5.51 -3.06 13.04
CA TYR A 139 -6.17 -3.18 14.34
C TYR A 139 -5.32 -3.99 15.33
N ALA A 140 -5.65 -3.88 16.62
CA ALA A 140 -4.88 -4.48 17.70
C ALA A 140 -4.68 -6.01 17.57
N GLU A 141 -5.59 -6.68 16.92
CA GLU A 141 -5.52 -8.14 16.78
C GLU A 141 -4.21 -8.64 16.15
N ILE A 142 -3.59 -7.82 15.30
CA ILE A 142 -2.34 -8.22 14.68
C ILE A 142 -1.15 -7.40 15.19
N ALA A 143 -1.31 -6.65 16.29
CA ALA A 143 -0.16 -5.99 16.94
C ALA A 143 0.75 -7.01 17.64
N ARG A 144 2.06 -6.78 17.70
CA ARG A 144 2.90 -7.62 18.53
C ARG A 144 3.28 -6.78 19.74
N PRO A 145 3.57 -7.37 20.90
CA PRO A 145 3.60 -8.85 21.16
C PRO A 145 2.19 -9.43 21.15
N ASP A 146 1.17 -8.60 21.40
CA ASP A 146 -0.24 -9.08 21.41
C ASP A 146 -1.18 -7.89 21.37
N ASP A 147 -2.49 -8.18 21.41
CA ASP A 147 -3.53 -7.19 21.13
C ASP A 147 -3.78 -6.26 22.29
N SER A 148 -3.05 -6.47 23.37
CA SER A 148 -3.09 -5.45 24.39
C SER A 148 -2.24 -4.20 24.09
N LEU A 149 -1.35 -4.24 23.07
CA LEU A 149 -0.55 -3.05 22.73
C LEU A 149 -1.41 -2.15 21.81
N GLU A 150 -2.06 -1.16 22.40
CA GLU A 150 -3.01 -0.28 21.68
C GLU A 150 -2.29 0.35 20.44
N PRO A 151 -2.81 0.10 19.23
CA PRO A 151 -2.19 0.81 18.10
C PRO A 151 -2.36 2.34 18.09
N PHE A 152 -1.47 3.00 17.35
CA PHE A 152 -1.46 4.45 17.27
C PHE A 152 -2.88 5.06 16.96
N PHE A 153 -3.57 4.55 15.96
CA PHE A 153 -4.78 5.21 15.52
C PHE A 153 -5.87 5.10 16.58
N ASP A 154 -5.96 3.96 17.26
CA ASP A 154 -6.79 3.82 18.47
C ASP A 154 -6.48 4.85 19.56
N SER A 155 -5.19 5.06 19.85
CA SER A 155 -4.80 6.04 20.88
C SER A 155 -5.23 7.44 20.38
N LEU A 156 -5.07 7.68 19.09
CA LEU A 156 -5.39 9.03 18.56
C LEU A 156 -6.89 9.32 18.75
N VAL A 157 -7.72 8.35 18.39
CA VAL A 157 -9.15 8.51 18.45
C VAL A 157 -9.64 8.62 19.94
N LYS A 158 -9.08 7.80 20.82
CA LYS A 158 -9.46 7.78 22.20
C LYS A 158 -9.02 9.05 22.94
N GLN A 159 -7.89 9.66 22.60
CA GLN A 159 -7.45 10.81 23.36
C GLN A 159 -7.93 12.13 22.75
N THR A 160 -8.42 12.13 21.53
CA THR A 160 -8.76 13.36 20.87
C THR A 160 -10.17 13.30 20.32
N HIS A 161 -10.58 14.34 19.63
CA HIS A 161 -11.92 14.20 19.03
C HIS A 161 -11.86 13.78 17.54
N VAL A 162 -10.74 13.23 17.07
CA VAL A 162 -10.55 12.97 15.62
C VAL A 162 -11.54 11.87 15.24
N PRO A 163 -12.34 12.06 14.18
CA PRO A 163 -13.23 10.97 13.79
C PRO A 163 -12.46 9.69 13.43
N ASN A 164 -13.12 8.58 13.65
CA ASN A 164 -12.49 7.25 13.56
C ASN A 164 -12.48 6.77 12.09
N LEU A 165 -11.66 7.44 11.28
CA LEU A 165 -11.43 7.06 9.88
C LEU A 165 -10.30 7.86 9.35
N PHE A 166 -9.69 7.29 8.32
CA PHE A 166 -8.68 8.01 7.61
C PHE A 166 -8.81 7.59 6.15
N SER A 167 -8.20 8.37 5.27
CA SER A 167 -8.25 8.05 3.85
C SER A 167 -6.87 8.25 3.20
N LEU A 168 -6.60 7.48 2.17
CA LEU A 168 -5.30 7.54 1.55
C LEU A 168 -5.39 7.73 0.07
N GLN A 169 -4.62 8.71 -0.41
CA GLN A 169 -4.48 8.90 -1.84
C GLN A 169 -2.99 8.71 -2.17
N LEU A 170 -2.63 7.59 -2.79
CA LEU A 170 -1.23 7.26 -3.11
C LEU A 170 -1.06 7.57 -4.57
N CYS A 171 -0.18 8.48 -4.92
CA CYS A 171 -0.18 8.94 -6.28
C CYS A 171 0.78 8.22 -7.18
N GLY A 172 1.88 7.70 -6.67
CA GLY A 172 2.74 7.02 -7.62
C GLY A 172 3.36 8.11 -8.52
N ALA A 173 3.55 7.79 -9.79
CA ALA A 173 4.17 8.78 -10.73
C ALA A 173 3.14 9.89 -11.20
N GLY A 174 1.92 9.87 -10.63
CA GLY A 174 0.90 10.90 -10.89
C GLY A 174 1.18 12.10 -10.00
N PHE A 175 2.33 12.09 -9.32
CA PHE A 175 2.67 13.14 -8.33
C PHE A 175 3.39 14.41 -8.90
N PRO A 176 2.71 15.59 -8.83
CA PRO A 176 3.41 16.84 -9.21
C PRO A 176 4.80 17.00 -8.50
N LEU A 177 5.83 17.05 -9.36
CA LEU A 177 7.25 17.31 -9.02
C LEU A 177 7.81 18.55 -9.79
N ASN A 178 8.79 19.23 -9.16
CA ASN A 178 9.73 20.17 -9.81
C ASN A 178 10.58 19.40 -10.86
N GLN A 179 11.06 20.12 -11.88
CA GLN A 179 11.94 19.56 -12.91
C GLN A 179 13.25 18.99 -12.36
N SER A 180 13.73 19.58 -11.25
CA SER A 180 15.00 19.23 -10.59
C SER A 180 14.93 18.21 -9.42
N GLU A 181 13.75 17.59 -9.21
CA GLU A 181 13.56 16.50 -8.21
C GLU A 181 13.94 15.12 -8.79
N VAL A 182 14.50 14.25 -7.93
CA VAL A 182 14.85 12.83 -8.28
C VAL A 182 13.70 12.09 -9.00
N LEU A 183 14.08 11.34 -10.05
CA LEU A 183 13.10 10.80 -11.03
C LEU A 183 12.11 9.76 -10.48
N ALA A 184 12.51 9.00 -9.45
CA ALA A 184 11.61 8.00 -8.77
C ALA A 184 10.70 8.51 -7.57
N SER A 185 10.64 9.84 -7.32
CA SER A 185 9.84 10.44 -6.21
C SER A 185 8.33 10.28 -6.51
N VAL A 186 7.57 9.86 -5.50
CA VAL A 186 6.12 9.73 -5.55
C VAL A 186 5.62 10.49 -4.33
N GLY A 187 4.31 10.63 -4.21
CA GLY A 187 3.72 11.41 -3.07
C GLY A 187 2.24 11.13 -2.97
N GLY A 188 1.56 11.79 -2.05
CA GLY A 188 0.12 11.44 -1.91
C GLY A 188 -0.38 12.13 -0.67
N SER A 189 -1.55 11.69 -0.18
CA SER A 189 -2.19 12.32 0.98
C SER A 189 -2.72 11.27 1.92
N MET A 190 -2.53 11.53 3.22
CA MET A 190 -3.25 10.81 4.20
C MET A 190 -4.13 11.81 4.92
N ILE A 191 -5.44 11.69 4.73
CA ILE A 191 -6.35 12.59 5.41
C ILE A 191 -6.79 11.88 6.66
N ILE A 192 -6.42 12.46 7.79
CA ILE A 192 -6.72 11.78 9.05
C ILE A 192 -7.98 12.42 9.62
N GLY A 193 -9.00 11.57 9.86
CA GLY A 193 -10.27 12.04 10.39
C GLY A 193 -11.35 12.31 9.40
N GLY A 194 -11.13 12.09 8.10
CA GLY A 194 -12.22 12.29 7.17
C GLY A 194 -11.79 12.09 5.74
N ILE A 195 -12.49 12.77 4.84
CA ILE A 195 -12.48 12.50 3.40
C ILE A 195 -12.31 13.90 2.80
N ASP A 196 -11.42 14.05 1.86
CA ASP A 196 -11.20 15.34 1.20
C ASP A 196 -11.64 15.17 -0.26
N HIS A 197 -12.66 15.94 -0.69
CA HIS A 197 -13.27 15.87 -2.05
C HIS A 197 -12.42 16.30 -3.23
N SER A 198 -11.32 16.95 -2.98
CA SER A 198 -10.40 17.27 -4.05
C SER A 198 -9.54 16.06 -4.50
N LEU A 199 -9.56 14.94 -3.77
CA LEU A 199 -8.63 13.82 -4.07
C LEU A 199 -9.28 12.75 -4.97
N TYR A 200 -10.58 12.91 -5.27
CA TYR A 200 -11.26 11.90 -6.11
C TYR A 200 -12.31 12.50 -7.02
N THR A 201 -12.75 11.71 -7.99
CA THR A 201 -13.86 12.06 -8.91
C THR A 201 -14.92 10.92 -8.89
N GLY A 202 -16.15 11.27 -9.23
CA GLY A 202 -17.21 10.28 -9.19
C GLY A 202 -17.60 9.83 -7.78
N SER A 203 -18.25 8.68 -7.69
CA SER A 203 -18.82 8.17 -6.43
C SER A 203 -17.81 7.34 -5.66
N LEU A 204 -17.94 7.34 -4.33
CA LEU A 204 -17.27 6.40 -3.46
C LEU A 204 -18.15 5.13 -3.35
N TRP A 205 -17.55 3.95 -3.47
CA TRP A 205 -18.25 2.69 -3.34
C TRP A 205 -17.58 1.92 -2.21
N TYR A 206 -18.41 1.31 -1.34
CA TYR A 206 -17.85 0.72 -0.14
C TYR A 206 -18.00 -0.80 -0.10
N THR A 207 -16.97 -1.45 0.40
CA THR A 207 -16.98 -2.87 0.69
C THR A 207 -16.85 -3.07 2.22
N PRO A 208 -17.50 -4.13 2.79
CA PRO A 208 -17.43 -4.30 4.25
C PRO A 208 -16.01 -4.66 4.71
N ILE A 209 -15.58 -4.19 5.88
CA ILE A 209 -14.35 -4.76 6.45
C ILE A 209 -14.84 -6.12 7.08
N ARG A 210 -14.40 -7.23 6.54
CA ARG A 210 -14.92 -8.53 6.97
C ARG A 210 -14.62 -8.82 8.43
N ARG A 211 -13.41 -8.48 8.87
CA ARG A 211 -13.05 -8.72 10.25
C ARG A 211 -12.00 -7.67 10.55
N GLU A 212 -12.00 -7.12 11.77
CA GLU A 212 -11.04 -6.06 12.08
C GLU A 212 -9.73 -6.62 12.58
N TRP A 213 -8.82 -6.95 11.67
CA TRP A 213 -7.48 -7.40 12.12
C TRP A 213 -6.52 -6.73 11.15
N TYR A 214 -6.30 -7.33 9.98
CA TYR A 214 -5.94 -6.57 8.79
C TYR A 214 -7.22 -5.85 8.27
N TYR A 215 -7.08 -4.99 7.23
CA TYR A 215 -8.25 -4.40 6.59
C TYR A 215 -8.69 -5.46 5.62
N GLU A 216 -9.41 -6.47 6.12
CA GLU A 216 -9.73 -7.60 5.29
C GLU A 216 -11.01 -7.33 4.50
N VAL A 217 -11.01 -7.72 3.22
CA VAL A 217 -12.15 -7.52 2.37
C VAL A 217 -12.41 -8.81 1.56
N ILE A 218 -13.50 -8.84 0.82
CA ILE A 218 -13.85 -10.05 0.05
C ILE A 218 -13.99 -9.71 -1.43
N ILE A 219 -13.17 -10.38 -2.27
CA ILE A 219 -13.19 -10.28 -3.73
C ILE A 219 -14.14 -11.32 -4.25
N VAL A 220 -15.09 -10.90 -5.08
CA VAL A 220 -16.13 -11.84 -5.46
C VAL A 220 -16.03 -12.24 -6.91
N ARG A 221 -15.24 -11.55 -7.71
CA ARG A 221 -15.08 -11.89 -9.13
C ARG A 221 -13.85 -11.16 -9.62
N VAL A 222 -13.13 -11.76 -10.55
CA VAL A 222 -11.98 -11.11 -11.21
C VAL A 222 -12.15 -11.19 -12.71
N GLU A 223 -11.98 -10.06 -13.41
CA GLU A 223 -11.96 -10.02 -14.88
C GLU A 223 -10.71 -9.40 -15.40
N ILE A 224 -10.23 -9.94 -16.52
CA ILE A 224 -9.09 -9.38 -17.22
C ILE A 224 -9.56 -9.08 -18.61
N ASN A 225 -9.40 -7.85 -19.06
CA ASN A 225 -9.86 -7.48 -20.38
C ASN A 225 -11.37 -7.72 -20.49
N GLY A 226 -12.09 -7.53 -19.37
CA GLY A 226 -13.51 -7.84 -19.30
C GLY A 226 -13.90 -9.33 -19.35
N GLN A 227 -12.93 -10.25 -19.27
CA GLN A 227 -13.21 -11.68 -19.32
C GLN A 227 -12.98 -12.26 -17.93
N ASP A 228 -14.03 -12.89 -17.41
CA ASP A 228 -14.00 -13.58 -16.14
C ASP A 228 -12.85 -14.59 -16.02
N LEU A 229 -12.13 -14.56 -14.93
CA LEU A 229 -11.01 -15.50 -14.77
C LEU A 229 -11.57 -16.88 -14.52
N LYS A 230 -12.86 -16.92 -14.14
CA LYS A 230 -13.62 -18.12 -13.95
C LYS A 230 -13.02 -19.07 -12.93
N MET A 231 -12.57 -18.54 -11.80
CA MET A 231 -12.18 -19.42 -10.70
C MET A 231 -13.32 -19.42 -9.72
N ASP A 232 -13.37 -20.43 -8.86
CA ASP A 232 -14.24 -20.43 -7.71
C ASP A 232 -13.79 -19.23 -6.85
N CYS A 233 -14.71 -18.37 -6.44
CA CYS A 233 -14.32 -17.09 -5.81
C CYS A 233 -13.61 -17.28 -4.49
N LYS A 234 -13.67 -18.48 -3.91
CA LYS A 234 -12.95 -18.73 -2.69
C LYS A 234 -11.43 -18.65 -2.96
N GLU A 235 -11.00 -19.00 -4.17
CA GLU A 235 -9.56 -18.91 -4.53
C GLU A 235 -9.02 -17.49 -4.41
N TYR A 236 -9.86 -16.51 -4.70
CA TYR A 236 -9.41 -15.08 -4.64
C TYR A 236 -9.08 -14.62 -3.22
N ASN A 237 -9.63 -15.31 -2.20
CA ASN A 237 -9.56 -14.83 -0.85
C ASN A 237 -8.93 -15.90 0.05
N TYR A 238 -8.08 -16.73 -0.55
CA TYR A 238 -7.48 -17.81 0.17
C TYR A 238 -6.07 -17.36 0.66
N ASP A 239 -5.76 -17.20 1.95
CA ASP A 239 -6.58 -17.41 3.12
C ASP A 239 -7.23 -16.07 3.62
N LYS A 240 -6.92 -14.93 2.96
CA LYS A 240 -7.57 -13.62 3.23
C LYS A 240 -7.28 -12.72 2.02
N SER A 241 -8.02 -11.62 1.92
CA SER A 241 -7.65 -10.54 1.01
C SER A 241 -7.54 -9.26 1.79
N ILE A 242 -6.45 -8.50 1.64
CA ILE A 242 -6.31 -7.33 2.52
C ILE A 242 -5.99 -6.09 1.70
N VAL A 243 -6.26 -4.90 2.25
CA VAL A 243 -5.83 -3.63 1.57
C VAL A 243 -4.59 -3.10 2.28
N ASP A 244 -3.46 -2.99 1.57
CA ASP A 244 -2.22 -2.76 2.28
C ASP A 244 -1.34 -1.66 1.64
N SER A 245 -1.33 -0.47 2.25
CA SER A 245 -0.46 0.61 1.74
C SER A 245 1.04 0.34 1.85
N GLY A 246 1.43 -0.60 2.72
CA GLY A 246 2.83 -0.96 2.90
C GLY A 246 3.25 -2.16 2.01
N THR A 247 2.44 -2.51 1.01
CA THR A 247 2.87 -3.52 0.08
C THR A 247 2.92 -2.85 -1.29
N THR A 248 3.99 -3.09 -2.07
CA THR A 248 4.09 -2.52 -3.43
C THR A 248 3.12 -3.14 -4.43
N ASN A 249 3.12 -4.47 -4.51
CA ASN A 249 2.47 -5.16 -5.63
C ASN A 249 0.98 -5.44 -5.41
N LEU A 250 0.32 -5.85 -6.49
CA LEU A 250 -0.91 -6.64 -6.35
C LEU A 250 -0.41 -8.11 -6.16
N ARG A 251 -0.57 -8.67 -4.97
CA ARG A 251 -0.13 -10.06 -4.70
C ARG A 251 -1.37 -10.95 -4.72
N LEU A 252 -1.23 -12.09 -5.39
CA LEU A 252 -2.35 -12.99 -5.63
C LEU A 252 -1.95 -14.42 -5.20
N PRO A 253 -2.93 -15.17 -4.65
CA PRO A 253 -2.63 -16.60 -4.40
C PRO A 253 -2.13 -17.28 -5.69
N LYS A 254 -1.27 -18.27 -5.51
CA LYS A 254 -0.58 -18.99 -6.62
C LYS A 254 -1.48 -19.29 -7.78
N LYS A 255 -2.59 -19.95 -7.49
CA LYS A 255 -3.46 -20.43 -8.56
C LYS A 255 -4.04 -19.23 -9.29
N VAL A 256 -4.40 -18.19 -8.54
CA VAL A 256 -4.95 -17.00 -9.16
C VAL A 256 -3.89 -16.25 -9.99
N PHE A 257 -2.70 -16.09 -9.42
CA PHE A 257 -1.59 -15.57 -10.12
C PHE A 257 -1.36 -16.25 -11.47
N GLU A 258 -1.29 -17.60 -11.46
CA GLU A 258 -1.03 -18.32 -12.70
CA GLU A 258 -1.09 -18.43 -12.64
C GLU A 258 -2.15 -18.09 -13.70
N ALA A 259 -3.42 -18.07 -13.26
CA ALA A 259 -4.49 -17.77 -14.21
C ALA A 259 -4.39 -16.31 -14.72
N ALA A 260 -4.04 -15.39 -13.82
CA ALA A 260 -3.89 -13.98 -14.20
C ALA A 260 -2.82 -13.79 -15.32
N VAL A 261 -1.67 -14.46 -15.16
CA VAL A 261 -0.60 -14.27 -16.12
C VAL A 261 -1.00 -14.82 -17.48
N LYS A 262 -1.59 -16.03 -17.46
CA LYS A 262 -2.07 -16.65 -18.68
C LYS A 262 -3.03 -15.70 -19.43
N SER A 263 -3.94 -15.11 -18.67
CA SER A 263 -4.93 -14.27 -19.28
C SER A 263 -4.30 -12.96 -19.78
N ILE A 264 -3.39 -12.36 -18.99
CA ILE A 264 -2.74 -11.13 -19.44
C ILE A 264 -1.92 -11.39 -20.72
N LYS A 265 -1.22 -12.53 -20.77
CA LYS A 265 -0.39 -12.87 -21.95
C LYS A 265 -1.23 -13.00 -23.15
N ALA A 266 -2.36 -13.69 -23.01
CA ALA A 266 -3.28 -13.94 -24.10
C ALA A 266 -3.87 -12.64 -24.62
N ALA A 267 -4.26 -11.75 -23.71
CA ALA A 267 -4.87 -10.52 -24.10
C ALA A 267 -3.90 -9.62 -24.85
N SER A 268 -2.63 -9.63 -24.47
CA SER A 268 -1.69 -8.69 -24.99
C SER A 268 -0.77 -9.32 -26.06
N SER A 269 -0.88 -10.63 -26.25
CA SER A 269 -0.01 -11.37 -27.21
C SER A 269 1.45 -11.25 -26.80
N THR A 270 1.72 -11.37 -25.50
CA THR A 270 3.09 -11.30 -25.04
C THR A 270 3.57 -12.66 -24.57
N GLU A 271 3.00 -13.74 -25.13
CA GLU A 271 3.41 -15.17 -24.81
C GLU A 271 4.91 -15.38 -24.84
N LYS A 272 5.57 -14.74 -25.79
CA LYS A 272 7.00 -14.84 -25.98
C LYS A 272 7.84 -14.01 -25.00
N PHE A 273 7.24 -13.07 -24.24
CA PHE A 273 8.00 -12.36 -23.19
C PHE A 273 8.62 -13.41 -22.24
N PRO A 274 9.86 -13.19 -21.74
CA PRO A 274 10.46 -14.30 -21.01
C PRO A 274 9.77 -14.52 -19.66
N ASP A 275 9.85 -15.75 -19.15
CA ASP A 275 9.15 -16.05 -17.95
C ASP A 275 9.71 -15.19 -16.75
N GLY A 276 10.98 -14.80 -16.79
CA GLY A 276 11.57 -13.95 -15.75
C GLY A 276 10.83 -12.60 -15.63
N PHE A 277 10.30 -12.15 -16.76
CA PHE A 277 9.55 -10.92 -16.71
C PHE A 277 8.33 -11.09 -15.82
N TRP A 278 7.58 -12.16 -16.05
CA TRP A 278 6.35 -12.42 -15.32
C TRP A 278 6.63 -12.71 -13.87
N LEU A 279 7.87 -13.12 -13.57
CA LEU A 279 8.20 -13.49 -12.21
C LEU A 279 8.84 -12.32 -11.54
N GLY A 280 8.95 -11.19 -12.23
CA GLY A 280 9.54 -10.00 -11.62
C GLY A 280 11.05 -10.05 -11.47
N GLU A 281 11.72 -10.91 -12.26
CA GLU A 281 13.18 -11.00 -12.24
C GLU A 281 13.85 -10.23 -13.37
N GLN A 282 13.06 -9.79 -14.35
CA GLN A 282 13.56 -9.02 -15.49
C GLN A 282 12.63 -7.85 -15.76
N LEU A 283 13.19 -6.72 -16.15
CA LEU A 283 12.42 -5.51 -16.58
C LEU A 283 12.18 -5.57 -18.05
N VAL A 284 11.04 -5.05 -18.48
CA VAL A 284 10.83 -4.84 -19.91
C VAL A 284 11.17 -3.38 -20.26
N CYS A 285 11.86 -3.15 -21.39
CA CYS A 285 12.29 -1.79 -21.78
C CYS A 285 11.82 -1.45 -23.19
N TRP A 286 11.15 -0.30 -23.32
CA TRP A 286 10.84 0.28 -24.62
C TRP A 286 11.48 1.62 -24.75
N GLN A 287 11.47 2.14 -25.99
CA GLN A 287 12.02 3.49 -26.18
C GLN A 287 11.16 4.45 -25.40
N ALA A 288 11.77 5.45 -24.74
CA ALA A 288 10.99 6.44 -23.98
C ALA A 288 9.87 7.01 -24.82
N GLY A 289 8.64 7.04 -24.32
CA GLY A 289 7.52 7.61 -25.09
C GLY A 289 6.79 6.61 -25.97
N THR A 290 7.23 5.37 -26.03
CA THR A 290 6.60 4.48 -27.00
C THR A 290 5.96 3.25 -26.32
N THR A 291 5.94 3.22 -25.00
CA THR A 291 5.30 2.11 -24.24
C THR A 291 3.91 1.77 -24.80
N PRO A 292 3.69 0.55 -25.25
CA PRO A 292 2.45 0.31 -25.95
C PRO A 292 1.35 -0.10 -24.93
N TRP A 293 0.89 0.89 -24.14
CA TRP A 293 -0.11 0.67 -23.07
C TRP A 293 -1.34 -0.05 -23.56
N ASN A 294 -1.80 0.34 -24.74
CA ASN A 294 -3.04 -0.18 -25.31
C ASN A 294 -3.01 -1.68 -25.61
N ILE A 295 -1.85 -2.33 -25.68
CA ILE A 295 -1.91 -3.79 -25.91
C ILE A 295 -2.19 -4.52 -24.59
N PHE A 296 -2.00 -3.85 -23.46
CA PHE A 296 -2.20 -4.53 -22.16
C PHE A 296 -3.63 -4.37 -21.62
N PRO A 297 -4.20 -5.45 -21.01
CA PRO A 297 -5.60 -5.39 -20.57
C PRO A 297 -5.77 -4.61 -19.23
N VAL A 298 -6.99 -4.13 -19.02
CA VAL A 298 -7.42 -3.65 -17.71
C VAL A 298 -7.75 -4.89 -16.82
N ILE A 299 -7.66 -4.70 -15.52
CA ILE A 299 -7.95 -5.77 -14.60
C ILE A 299 -9.01 -5.22 -13.66
N SER A 300 -10.08 -5.96 -13.46
CA SER A 300 -11.12 -5.57 -12.51
C SER A 300 -11.26 -6.53 -11.37
N LEU A 301 -11.30 -6.03 -10.13
CA LEU A 301 -11.70 -6.82 -8.95
C LEU A 301 -13.10 -6.39 -8.55
N TYR A 302 -14.01 -7.35 -8.46
CA TYR A 302 -15.35 -7.04 -7.95
C TYR A 302 -15.28 -7.30 -6.47
N LEU A 303 -15.78 -6.34 -5.70
CA LEU A 303 -15.77 -6.47 -4.20
C LEU A 303 -17.18 -6.60 -3.70
N MET A 304 -17.37 -7.35 -2.61
CA MET A 304 -18.67 -7.39 -1.93
C MET A 304 -19.20 -5.96 -1.65
N GLY A 305 -20.46 -5.67 -1.95
CA GLY A 305 -20.99 -4.28 -1.62
C GLY A 305 -21.62 -4.22 -0.23
N GLU A 306 -22.38 -3.16 -0.01
CA GLU A 306 -22.99 -2.90 1.26
C GLU A 306 -24.38 -3.48 1.35
N VAL A 307 -25.02 -3.83 0.25
CA VAL A 307 -26.36 -4.42 0.38
C VAL A 307 -26.38 -5.86 -0.13
N THR A 308 -27.43 -6.62 0.23
CA THR A 308 -27.58 -8.03 -0.16
C THR A 308 -27.44 -8.24 -1.66
N ASN A 309 -26.61 -9.21 -2.05
CA ASN A 309 -26.42 -9.60 -3.45
C ASN A 309 -25.94 -8.48 -4.36
N GLN A 310 -25.22 -7.51 -3.78
CA GLN A 310 -24.76 -6.37 -4.59
C GLN A 310 -23.21 -6.23 -4.46
N SER A 311 -22.53 -6.04 -5.59
CA SER A 311 -21.09 -5.86 -5.63
C SER A 311 -20.81 -4.61 -6.42
N PHE A 312 -19.53 -4.23 -6.50
CA PHE A 312 -19.14 -3.15 -7.43
C PHE A 312 -17.74 -3.58 -7.90
N ARG A 313 -17.17 -2.90 -8.88
CA ARG A 313 -15.82 -3.27 -9.30
C ARG A 313 -14.89 -2.07 -9.35
N ILE A 314 -13.60 -2.36 -9.11
CA ILE A 314 -12.54 -1.44 -9.31
C ILE A 314 -11.70 -1.96 -10.47
N THR A 315 -11.31 -1.06 -11.35
CA THR A 315 -10.56 -1.46 -12.58
C THR A 315 -9.28 -0.64 -12.66
N ILE A 316 -8.14 -1.32 -12.81
CA ILE A 316 -6.87 -0.63 -12.89
C ILE A 316 -6.32 -0.84 -14.33
N LEU A 317 -5.36 -0.01 -14.66
CA LEU A 317 -4.77 -0.01 -15.98
C LEU A 317 -3.36 -0.66 -15.95
N PRO A 318 -2.81 -0.98 -17.13
CA PRO A 318 -1.36 -1.34 -17.15
C PRO A 318 -0.44 -0.27 -16.52
N GLN A 319 -0.83 1.01 -16.61
CA GLN A 319 -0.02 2.01 -15.94
C GLN A 319 0.07 1.73 -14.44
N GLN A 320 -0.89 1.01 -13.83
CA GLN A 320 -0.77 0.65 -12.39
C GLN A 320 0.04 -0.63 -12.21
N TYR A 321 -0.10 -1.62 -13.10
CA TYR A 321 0.62 -2.88 -12.78
C TYR A 321 1.97 -3.10 -13.50
N LEU A 322 2.34 -2.20 -14.42
CA LEU A 322 3.68 -2.13 -14.97
C LEU A 322 4.35 -0.94 -14.38
N ARG A 323 5.25 -1.18 -13.44
CA ARG A 323 5.80 -0.09 -12.65
C ARG A 323 7.13 0.40 -13.21
N PRO A 324 7.24 1.69 -13.43
CA PRO A 324 8.46 2.29 -14.00
C PRO A 324 9.64 2.11 -13.06
N VAL A 325 10.80 1.74 -13.60
CA VAL A 325 12.06 1.58 -12.82
C VAL A 325 13.10 2.52 -13.41
N GLU A 326 13.56 3.46 -12.60
CA GLU A 326 14.61 4.42 -12.96
C GLU A 326 15.98 3.85 -12.65
N ASP A 327 17.00 4.43 -13.30
CA ASP A 327 18.41 4.18 -12.99
C ASP A 327 18.80 2.75 -13.31
N VAL A 328 18.22 2.19 -14.35
CA VAL A 328 18.63 0.85 -14.79
C VAL A 328 19.06 0.79 -16.25
N ALA A 329 18.73 1.85 -17.01
CA ALA A 329 19.02 1.98 -18.44
C ALA A 329 19.15 3.48 -18.76
N THR A 330 19.60 3.80 -19.97
CA THR A 330 19.58 5.15 -20.53
C THR A 330 18.24 5.84 -20.29
N SER A 331 18.29 7.13 -20.00
CA SER A 331 17.09 7.96 -20.02
C SER A 331 16.37 7.85 -21.39
N GLN A 332 17.07 7.41 -22.45
CA GLN A 332 16.42 7.25 -23.75
C GLN A 332 15.35 6.08 -23.73
N ASP A 333 15.38 5.22 -22.68
CA ASP A 333 14.43 4.09 -22.54
C ASP A 333 13.55 4.16 -21.26
N ASP A 334 12.33 3.64 -21.36
CA ASP A 334 11.42 3.49 -20.20
C ASP A 334 11.36 2.01 -19.89
N CYS A 335 11.75 1.64 -18.66
CA CYS A 335 11.77 0.24 -18.22
C CYS A 335 10.75 0.01 -17.11
N TYR A 336 10.16 -1.20 -17.07
CA TYR A 336 9.08 -1.50 -16.17
C TYR A 336 9.26 -2.87 -15.52
N LYS A 337 8.76 -2.98 -14.29
CA LYS A 337 8.69 -4.20 -13.58
C LYS A 337 7.22 -4.67 -13.63
N PHE A 338 7.00 -5.96 -13.87
CA PHE A 338 5.68 -6.52 -13.75
C PHE A 338 5.34 -6.61 -12.25
N ALA A 339 4.32 -5.90 -11.77
CA ALA A 339 4.14 -5.71 -10.33
C ALA A 339 2.89 -6.49 -9.79
N ILE A 340 2.59 -7.61 -10.44
CA ILE A 340 1.61 -8.53 -9.98
C ILE A 340 2.47 -9.74 -9.58
N SER A 341 2.30 -10.26 -8.38
CA SER A 341 3.16 -11.36 -7.98
C SER A 341 2.44 -12.38 -7.11
N GLN A 342 3.13 -13.47 -6.80
CA GLN A 342 2.56 -14.63 -6.10
CA GLN A 342 2.50 -14.60 -6.09
C GLN A 342 2.55 -14.42 -4.59
N SER A 343 1.56 -14.98 -3.89
CA SER A 343 1.49 -14.92 -2.44
C SER A 343 1.11 -16.28 -1.90
N SER A 344 1.63 -16.66 -0.76
CA SER A 344 1.03 -17.87 -0.11
C SER A 344 0.26 -17.45 1.17
N THR A 345 0.03 -16.14 1.33
CA THR A 345 -0.73 -15.62 2.48
C THR A 345 -1.97 -14.76 2.04
N GLY A 346 -2.53 -15.08 0.87
CA GLY A 346 -3.78 -14.41 0.42
C GLY A 346 -3.53 -13.24 -0.53
N THR A 347 -4.60 -12.62 -0.97
CA THR A 347 -4.47 -11.48 -1.85
C THR A 347 -3.97 -10.25 -1.06
N VAL A 348 -3.06 -9.48 -1.64
CA VAL A 348 -2.74 -8.20 -1.06
C VAL A 348 -3.03 -7.13 -2.12
N MET A 349 -3.94 -6.20 -1.81
CA MET A 349 -4.15 -5.06 -2.71
C MET A 349 -3.19 -3.98 -2.26
N GLY A 350 -1.97 -4.00 -2.83
CA GLY A 350 -0.94 -3.02 -2.47
C GLY A 350 -1.03 -1.75 -3.32
N ALA A 351 0.10 -1.10 -3.51
CA ALA A 351 0.12 0.18 -4.24
C ALA A 351 -0.37 0.07 -5.68
N VAL A 352 -0.16 -1.10 -6.28
CA VAL A 352 -0.68 -1.36 -7.66
C VAL A 352 -2.22 -1.11 -7.71
N ILE A 353 -2.95 -1.49 -6.66
CA ILE A 353 -4.36 -1.26 -6.64
C ILE A 353 -4.59 0.17 -6.10
N MET A 354 -3.94 0.52 -4.98
CA MET A 354 -4.31 1.78 -4.29
C MET A 354 -3.96 3.04 -5.12
N GLU A 355 -2.95 2.97 -5.99
CA GLU A 355 -2.58 4.12 -6.84
C GLU A 355 -3.62 4.45 -7.93
N GLY A 356 -4.58 3.57 -8.16
CA GLY A 356 -5.73 3.94 -9.00
C GLY A 356 -6.82 4.72 -8.25
N PHE A 357 -6.82 4.69 -6.92
CA PHE A 357 -8.04 5.05 -6.20
C PHE A 357 -7.79 5.93 -4.97
N TYR A 358 -8.81 6.71 -4.58
CA TYR A 358 -8.80 7.28 -3.27
C TYR A 358 -9.47 6.23 -2.39
N VAL A 359 -8.78 5.83 -1.32
CA VAL A 359 -9.25 4.73 -0.46
C VAL A 359 -9.59 5.18 0.91
N VAL A 360 -10.86 4.96 1.32
CA VAL A 360 -11.28 5.48 2.60
C VAL A 360 -11.38 4.28 3.54
N PHE A 361 -10.65 4.35 4.64
CA PHE A 361 -10.63 3.29 5.69
C PHE A 361 -11.61 3.81 6.74
N ASP A 362 -12.88 3.49 6.55
CA ASP A 362 -13.93 4.01 7.40
C ASP A 362 -14.12 2.99 8.54
N ARG A 363 -13.26 3.10 9.55
CA ARG A 363 -13.27 2.24 10.70
C ARG A 363 -14.56 2.37 11.48
N ALA A 364 -15.07 3.60 11.60
CA ALA A 364 -16.32 3.83 12.36
C ALA A 364 -17.47 3.00 11.79
N ARG A 365 -17.56 2.88 10.46
CA ARG A 365 -18.63 2.09 9.80
C ARG A 365 -18.21 0.71 9.30
N LYS A 366 -17.04 0.25 9.73
CA LYS A 366 -16.53 -1.08 9.33
C LYS A 366 -16.56 -1.32 7.85
N ARG A 367 -16.07 -0.37 7.09
CA ARG A 367 -16.09 -0.50 5.65
C ARG A 367 -14.90 0.27 5.00
N ILE A 368 -14.62 -0.08 3.73
CA ILE A 368 -13.51 0.50 2.95
CA ILE A 368 -13.54 0.56 2.99
C ILE A 368 -14.17 1.10 1.72
N GLY A 369 -13.95 2.40 1.48
CA GLY A 369 -14.45 3.05 0.23
C GLY A 369 -13.36 3.21 -0.83
N PHE A 370 -13.79 3.12 -2.08
CA PHE A 370 -12.92 3.35 -3.24
C PHE A 370 -13.60 4.38 -4.12
N ALA A 371 -12.82 5.32 -4.64
CA ALA A 371 -13.29 6.23 -5.70
C ALA A 371 -12.11 6.40 -6.64
N VAL A 372 -12.37 6.71 -7.90
CA VAL A 372 -11.29 7.05 -8.86
C VAL A 372 -10.42 8.17 -8.30
N SER A 373 -9.11 7.95 -8.28
CA SER A 373 -8.19 8.95 -7.74
C SER A 373 -8.00 10.13 -8.74
N ALA A 374 -8.02 11.35 -8.22
CA ALA A 374 -7.68 12.50 -9.05
C ALA A 374 -6.24 12.49 -9.55
N CYS A 375 -5.37 11.64 -9.00
CA CYS A 375 -3.96 11.68 -9.44
C CYS A 375 -3.54 10.36 -10.13
N HIS A 376 -4.46 9.44 -10.42
CA HIS A 376 -3.98 8.17 -11.00
C HIS A 376 -3.39 8.40 -12.44
N VAL A 377 -2.39 7.57 -12.77
CA VAL A 377 -1.69 7.64 -14.04
C VAL A 377 -2.54 6.89 -15.03
N HIS A 378 -2.86 7.55 -16.14
CA HIS A 378 -3.68 6.94 -17.19
C HIS A 378 -3.36 7.63 -18.54
N ASP A 379 -4.15 7.36 -19.57
CA ASP A 379 -3.81 7.96 -20.89
C ASP A 379 -5.08 8.55 -21.47
N GLU A 380 -5.05 8.93 -22.73
CA GLU A 380 -6.16 9.62 -23.36
C GLU A 380 -7.27 8.62 -23.72
N PHE A 381 -7.00 7.31 -23.67
CA PHE A 381 -8.02 6.35 -24.11
C PHE A 381 -8.67 5.61 -22.95
N ARG A 382 -7.96 5.46 -21.82
CA ARG A 382 -8.52 4.64 -20.69
C ARG A 382 -8.24 5.29 -19.35
N THR A 383 -9.09 4.99 -18.38
CA THR A 383 -8.92 5.54 -17.07
C THR A 383 -9.22 4.43 -16.04
N ALA A 384 -8.66 4.52 -14.83
CA ALA A 384 -9.03 3.61 -13.80
C ALA A 384 -10.53 3.89 -13.52
N ALA A 385 -11.25 2.92 -12.98
CA ALA A 385 -12.70 3.10 -12.75
C ALA A 385 -13.21 2.41 -11.52
N VAL A 386 -14.32 2.95 -11.00
CA VAL A 386 -15.06 2.30 -9.91
C VAL A 386 -16.51 2.36 -10.32
N GLU A 387 -17.16 1.19 -10.45
CA GLU A 387 -18.48 1.09 -11.11
C GLU A 387 -19.35 0.13 -10.35
N GLY A 388 -20.63 0.40 -10.33
CA GLY A 388 -21.58 -0.50 -9.76
C GLY A 388 -22.94 0.18 -9.91
N PRO A 389 -23.98 -0.40 -9.36
CA PRO A 389 -23.94 -1.65 -8.62
C PRO A 389 -24.09 -2.89 -9.56
N PHE A 390 -23.65 -4.08 -9.12
CA PHE A 390 -23.92 -5.34 -9.90
C PHE A 390 -24.60 -6.32 -9.02
N VAL A 391 -25.50 -7.09 -9.61
CA VAL A 391 -26.16 -8.16 -8.83
C VAL A 391 -25.24 -9.36 -8.77
N THR A 392 -24.86 -9.81 -7.58
CA THR A 392 -23.92 -10.94 -7.43
C THR A 392 -24.39 -11.85 -6.32
N LEU A 393 -24.58 -13.16 -6.61
CA LEU A 393 -25.12 -14.10 -5.63
C LEU A 393 -24.01 -14.80 -4.90
N ASP A 394 -24.31 -15.23 -3.68
CA ASP A 394 -23.46 -16.14 -2.88
C ASP A 394 -22.14 -15.56 -2.44
N MET A 395 -22.14 -14.24 -2.25
CA MET A 395 -20.90 -13.53 -1.96
C MET A 395 -20.27 -13.98 -0.66
N GLU A 396 -21.09 -14.33 0.34
CA GLU A 396 -20.57 -14.76 1.64
C GLU A 396 -19.76 -16.04 1.47
N ASP A 397 -20.08 -16.83 0.45
CA ASP A 397 -19.34 -18.08 0.25
C ASP A 397 -17.94 -17.82 -0.25
N CYS A 398 -17.66 -16.60 -0.72
CA CYS A 398 -16.32 -16.27 -1.18
C CYS A 398 -15.26 -16.19 -0.08
N GLY A 399 -15.64 -15.90 1.17
CA GLY A 399 -14.67 -15.79 2.25
C GLY A 399 -14.06 -17.14 2.63
N TYR A 400 -12.76 -17.18 2.94
CA TYR A 400 -12.10 -18.34 3.55
C TYR A 400 -12.46 -18.49 5.03
N ASN A 401 -12.63 -19.74 5.45
CA ASN A 401 -12.81 -20.15 6.89
C ASN A 401 -11.86 -21.31 7.19
N ILE A 402 -11.23 -21.33 8.38
CA ILE A 402 -10.39 -22.48 8.85
C ILE A 402 -11.22 -23.81 8.72
N PRO A 403 -10.73 -24.81 7.94
CA PRO A 403 -11.66 -25.89 7.54
C PRO A 403 -11.74 -27.05 8.53
N GLY B 1 19.62 -6.82 -34.98
N GLY B 1 19.54 -3.73 -25.60
CA GLY B 1 20.61 -7.40 -34.03
CA GLY B 1 20.02 -4.92 -26.36
C GLY B 1 20.31 -6.97 -32.63
C GLY B 1 19.24 -5.19 -27.64
N GLY B 2 19.70 -5.80 -32.49
N GLY B 2 19.72 -4.65 -28.76
CA GLY B 2 19.22 -5.28 -31.19
CA GLY B 2 19.26 -5.01 -30.11
C GLY B 2 17.69 -5.22 -31.18
C GLY B 2 17.77 -5.21 -30.38
N GLY B 3 17.10 -4.10 -30.72
CA GLY B 3 15.61 -3.93 -30.86
C GLY B 3 14.80 -3.75 -29.58
N TYR B 4 13.57 -3.25 -29.75
CA TYR B 4 12.63 -3.04 -28.67
C TYR B 4 11.38 -3.91 -28.81
N PRO B 5 10.79 -4.43 -27.72
CA PRO B 5 11.28 -4.26 -26.33
C PRO B 5 12.46 -5.17 -26.03
N TYR B 6 13.28 -4.85 -25.05
CA TYR B 6 14.30 -5.77 -24.62
C TYR B 6 14.13 -5.95 -23.06
N PHE B 7 14.83 -6.93 -22.49
CA PHE B 7 14.68 -7.37 -21.11
C PHE B 7 16.01 -7.32 -20.45
N ILE B 8 16.05 -6.80 -19.24
CA ILE B 8 17.28 -6.74 -18.50
C ILE B 8 17.05 -7.34 -17.12
N PRO B 9 18.07 -7.94 -16.47
CA PRO B 9 17.81 -8.45 -15.09
C PRO B 9 17.50 -7.29 -14.15
N DLY B 10 16.95 -7.53 -12.97
CA DLY B 10 16.52 -6.68 -12.03
C DLY B 10 15.26 -7.04 -11.36
O DLY B 10 14.97 -8.20 -11.24
CB DLY B 10 17.43 -5.93 -11.37
CG DLY B 10 18.57 -6.47 -10.61
CD DLY B 10 18.63 -7.69 -10.06
CE DLY B 10 19.82 -8.02 -9.19
NZ DLY B 10 20.56 -9.18 -9.71
N GLY B 11 14.50 -6.06 -10.90
CA GLY B 11 13.39 -6.37 -10.02
C GLY B 11 13.78 -6.26 -8.56
N DLY B 12 13.05 -6.97 -7.70
CA DLY B 12 12.84 -6.56 -6.41
C DLY B 12 12.36 -5.14 -6.33
O DLY B 12 11.51 -4.75 -7.13
CB DLY B 12 12.05 -7.39 -5.71
CG DLY B 12 12.47 -8.23 -4.60
CD DLY B 12 11.54 -8.94 -3.97
CE DLY B 12 11.18 -10.29 -4.53
NZ DLY B 12 11.18 -11.28 -3.45
N GLY B 13 12.89 -4.33 -5.41
CA GLY B 13 12.40 -2.95 -5.26
C GLY B 13 10.94 -2.93 -4.78
N GLU B 14 10.66 -3.57 -3.63
CA GLU B 14 9.29 -3.68 -3.12
C GLU B 14 9.29 -3.57 -1.62
N VAL B 15 8.18 -3.13 -1.05
CA VAL B 15 7.98 -3.27 0.38
C VAL B 15 6.88 -4.33 0.53
N ASN B 16 6.93 -5.14 1.61
CA ASN B 16 5.82 -6.09 1.90
C ASN B 16 5.58 -6.18 3.40
N STA B 17 4.81 -5.21 3.90
CA STA B 17 4.66 -4.90 5.35
CB STA B 17 5.25 -3.47 5.55
CG STA B 17 6.74 -3.33 5.10
CD1 STA B 17 7.15 -1.85 5.09
CD2 STA B 17 7.75 -4.04 6.05
CH STA B 17 3.18 -4.99 5.79
OH STA B 17 2.36 -4.09 4.95
CM STA B 17 2.53 -6.39 5.70
C STA B 17 2.99 -7.26 6.90
O STA B 17 4.00 -8.03 6.66
N VAL B 18 2.55 -7.13 8.13
CA VAL B 18 3.00 -7.97 9.26
C VAL B 18 2.63 -9.46 8.97
N ALA B 19 3.46 -10.40 9.39
CA ALA B 19 3.10 -11.84 9.34
C ALA B 19 1.94 -12.09 10.31
N GLU B 20 1.03 -13.00 9.95
CA GLU B 20 -0.16 -13.33 10.77
C GLU B 20 0.08 -13.81 12.26
N DPR B 21 -0.74 -13.31 13.19
CA DPR B 21 -0.99 -13.97 14.46
CB DPR B 21 -2.51 -13.79 14.73
CG DPR B 21 -3.10 -12.91 13.63
CD DPR B 21 -1.87 -12.41 12.89
C DPR B 21 -0.29 -13.44 15.67
O DPR B 21 -0.05 -14.20 16.60
N NH2 B 22 0.02 -12.16 15.75
C1 EDO C . 21.54 10.71 15.90
O1 EDO C . 21.96 11.57 14.85
C2 EDO C . 20.01 10.76 15.99
O2 EDO C . 19.48 11.03 14.70
C1 EDO D . -12.72 19.71 8.28
O1 EDO D . -11.73 19.33 9.26
C2 EDO D . -12.04 19.95 6.97
O2 EDO D . -10.74 20.48 7.31
C1 EDO E . -0.19 5.04 25.41
O1 EDO E . -0.79 5.60 26.57
C2 EDO E . -0.80 3.69 25.18
O2 EDO E . -2.20 3.91 25.00
C1 EDO F . 11.57 19.44 -2.97
O1 EDO F . 10.23 19.20 -2.51
C2 EDO F . 11.46 20.25 -4.25
O2 EDO F . 12.70 20.25 -4.99
#